data_7OBC
#
_entry.id   7OBC
#
_cell.length_a   82.400
_cell.length_b   111.950
_cell.length_c   62.886
_cell.angle_alpha   90.000
_cell.angle_beta   90.000
_cell.angle_gamma   90.000
#
_symmetry.space_group_name_H-M   'C 2 2 21'
#
loop_
_entity.id
_entity.type
_entity.pdbx_description
1 polymer '14-3-3 protein sigma'
2 polymer 'Rho-related GTP-binding protein RhoE'
3 non-polymer 'CHLORIDE ION'
4 non-polymer 'MAGNESIUM ION'
5 non-polymer FARNESYL
6 water water
#
loop_
_entity_poly.entity_id
_entity_poly.type
_entity_poly.pdbx_seq_one_letter_code
_entity_poly.pdbx_strand_id
1 'polypeptide(L)'
;GAMGSMERASLIQKAKLAEQAERYEDMAAFMKGAVEKGEELS(CSO)EERNLLSVAYKNVVGGQRAAWRVLSSIEQKSNE
EGSEEKGPEVREYREKVETELQGVCDTVLGLLDSHLIKEAGDAESRVFYLKMKGDYYRYLAEVATGDDKKRIIDSARSAY
QEAMDISKKEMPPTNPIRLGLALNFSVFHYEIANSPEEAISLAKTTFDEAMADLHTLSEDSYKDSTLIMQLLRDNLTLWT
ADNAGEEGGEAPQEPQS
;
A
2 'polypeptide(L)' TDLRKDKAK(SEP)C B
#
loop_
_chem_comp.id
_chem_comp.type
_chem_comp.name
_chem_comp.formula
CL non-polymer 'CHLORIDE ION' 'Cl -1'
FAR non-polymer FARNESYL 'C15 H26'
MG non-polymer 'MAGNESIUM ION' 'Mg 2'
#
# COMPACT_ATOMS: atom_id res chain seq x y z
N GLY A 1 3.88 -16.66 -18.61
CA GLY A 1 2.60 -16.06 -18.16
C GLY A 1 1.68 -15.75 -19.33
N ALA A 2 0.39 -15.59 -19.04
CA ALA A 2 -0.60 -15.42 -20.10
C ALA A 2 -0.40 -14.12 -20.87
N MET A 3 0.37 -13.17 -20.33
CA MET A 3 0.62 -11.91 -21.01
C MET A 3 1.94 -11.90 -21.78
N GLY A 4 2.66 -13.01 -21.81
CA GLY A 4 3.95 -13.05 -22.47
C GLY A 4 3.89 -12.81 -23.96
N SER A 5 2.74 -13.06 -24.59
CA SER A 5 2.59 -12.86 -26.02
C SER A 5 2.18 -11.45 -26.41
N MET A 6 1.82 -10.58 -25.45
CA MET A 6 1.29 -9.27 -25.76
C MET A 6 2.36 -8.19 -25.64
N GLU A 7 2.36 -7.25 -26.57
CA GLU A 7 3.31 -6.15 -26.56
C GLU A 7 3.23 -5.36 -25.25
N ARG A 8 4.39 -4.85 -24.82
CA ARG A 8 4.42 -4.03 -23.60
C ARG A 8 3.48 -2.83 -23.72
N ALA A 9 3.52 -2.15 -24.86
CA ALA A 9 2.70 -0.96 -25.02
C ALA A 9 1.21 -1.31 -25.02
N SER A 10 0.85 -2.47 -25.58
CA SER A 10 -0.53 -2.90 -25.57
C SER A 10 -1.00 -3.25 -24.15
N LEU A 11 -0.12 -3.85 -23.36
CA LEU A 11 -0.46 -4.10 -21.96
C LEU A 11 -0.71 -2.79 -21.21
N ILE A 12 0.13 -1.78 -21.45
CA ILE A 12 -0.08 -0.49 -20.79
C ILE A 12 -1.38 0.14 -21.29
N GLN A 13 -1.63 0.08 -22.60
CA GLN A 13 -2.85 0.64 -23.16
C GLN A 13 -4.09 -0.01 -22.56
N LYS A 14 -4.07 -1.35 -22.42
CA LYS A 14 -5.21 -2.06 -21.88
C LYS A 14 -5.34 -1.87 -20.37
N ALA A 15 -4.23 -1.69 -19.66
CA ALA A 15 -4.31 -1.33 -18.25
C ALA A 15 -5.11 -0.06 -18.05
N LYS A 16 -4.92 0.93 -18.94
CA LYS A 16 -5.66 2.18 -18.80
C LYS A 16 -7.13 2.00 -19.17
N LEU A 17 -7.42 1.16 -20.15
CA LEU A 17 -8.81 0.83 -20.47
C LEU A 17 -9.48 0.14 -19.28
N ALA A 18 -8.79 -0.82 -18.67
CA ALA A 18 -9.35 -1.53 -17.53
C ALA A 18 -9.66 -0.59 -16.38
N GLU A 19 -8.77 0.37 -16.10
CA GLU A 19 -9.05 1.36 -15.07
C GLU A 19 -10.32 2.14 -15.39
N GLN A 20 -10.47 2.57 -16.65
CA GLN A 20 -11.68 3.30 -17.02
C GLN A 20 -12.92 2.45 -16.83
N ALA A 21 -12.80 1.15 -17.04
CA ALA A 21 -13.91 0.22 -16.87
C ALA A 21 -14.05 -0.27 -15.43
N GLU A 22 -13.16 0.19 -14.54
CA GLU A 22 -13.16 -0.25 -13.14
C GLU A 22 -12.97 -1.77 -13.04
N ARG A 23 -12.15 -2.31 -13.95
CA ARG A 23 -11.81 -3.73 -13.96
C ARG A 23 -10.39 -3.89 -13.42
N TYR A 24 -10.27 -3.86 -12.08
CA TYR A 24 -8.95 -3.71 -11.48
C TYR A 24 -8.18 -5.02 -11.43
N GLU A 25 -8.84 -6.17 -11.38
CA GLU A 25 -8.12 -7.43 -11.51
C GLU A 25 -7.46 -7.52 -12.89
N ASP A 26 -8.22 -7.21 -13.95
CA ASP A 26 -7.63 -7.12 -15.28
C ASP A 26 -6.47 -6.14 -15.29
N MET A 27 -6.70 -4.95 -14.74
CA MET A 27 -5.65 -3.92 -14.74
C MET A 27 -4.38 -4.44 -14.10
N ALA A 28 -4.50 -5.14 -12.97
CA ALA A 28 -3.33 -5.67 -12.29
C ALA A 28 -2.63 -6.74 -13.13
N ALA A 29 -3.40 -7.60 -13.79
CA ALA A 29 -2.80 -8.64 -14.62
C ALA A 29 -2.04 -8.02 -15.79
N PHE A 30 -2.62 -6.99 -16.42
CA PHE A 30 -1.92 -6.31 -17.51
C PHE A 30 -0.61 -5.69 -17.03
N MET A 31 -0.64 -5.03 -15.86
CA MET A 31 0.56 -4.37 -15.37
C MET A 31 1.60 -5.36 -14.88
N LYS A 32 1.17 -6.49 -14.33
CA LYS A 32 2.10 -7.57 -14.03
C LYS A 32 2.82 -8.01 -15.31
N GLY A 33 2.05 -8.24 -16.38
CA GLY A 33 2.67 -8.56 -17.66
C GLY A 33 3.66 -7.52 -18.11
N ALA A 34 3.30 -6.23 -17.96
CA ALA A 34 4.21 -5.16 -18.36
C ALA A 34 5.50 -5.21 -17.55
N VAL A 35 5.40 -5.39 -16.23
CA VAL A 35 6.60 -5.46 -15.41
C VAL A 35 7.49 -6.62 -15.86
N GLU A 36 6.89 -7.76 -16.16
CA GLU A 36 7.65 -8.96 -16.51
C GLU A 36 8.31 -8.86 -17.87
N LYS A 37 8.05 -7.81 -18.65
CA LYS A 37 8.84 -7.56 -19.84
C LYS A 37 10.28 -7.20 -19.50
N GLY A 38 10.56 -6.78 -18.27
CA GLY A 38 11.91 -6.59 -17.80
C GLY A 38 12.45 -5.18 -17.91
N GLU A 39 11.71 -4.27 -18.52
CA GLU A 39 12.13 -2.88 -18.61
C GLU A 39 11.61 -2.08 -17.41
N GLU A 40 12.37 -1.06 -17.02
CA GLU A 40 11.94 -0.22 -15.91
C GLU A 40 10.63 0.47 -16.25
N LEU A 41 9.97 0.99 -15.23
CA LEU A 41 8.67 1.63 -15.36
C LEU A 41 8.81 3.14 -15.27
N SER A 42 8.08 3.84 -16.13
CA SER A 42 7.99 5.29 -16.05
C SER A 42 7.13 5.69 -14.86
N CSO A 43 7.12 6.99 -14.56
N CSO A 43 7.09 6.99 -14.58
CA CSO A 43 6.35 7.52 -13.45
CA CSO A 43 6.34 7.50 -13.43
CB CSO A 43 6.51 9.05 -13.39
CB CSO A 43 6.54 9.00 -13.29
SG CSO A 43 5.53 9.75 -12.06
SG CSO A 43 5.25 9.71 -12.23
C CSO A 43 4.88 7.13 -13.60
C CSO A 43 4.87 7.15 -13.58
O CSO A 43 4.26 6.60 -12.67
O CSO A 43 4.22 6.72 -12.63
OD CSO A 43 3.91 10.21 -12.65
OD CSO A 43 5.90 10.01 -10.60
H CSO A 43 7.56 7.59 -15.00
H CSO A 43 7.49 7.61 -15.04
HA CSO A 43 6.67 7.16 -12.59
HA CSO A 43 6.68 7.09 -12.61
HB2 CSO A 43 6.22 9.44 -14.23
HB2 CSO A 43 6.49 9.42 -14.16
HB3 CSO A 43 7.45 9.27 -13.23
HB3 CSO A 43 7.40 9.19 -12.88
HD CSO A 43 3.37 10.53 -11.92
HD CSO A 43 6.81 10.32 -10.66
N GLU A 44 4.32 7.35 -14.78
CA GLU A 44 2.92 7.02 -15.04
C GLU A 44 2.66 5.52 -14.93
N GLU A 45 3.61 4.72 -15.42
CA GLU A 45 3.44 3.26 -15.37
C GLU A 45 3.54 2.74 -13.95
N ARG A 46 4.39 3.34 -13.12
CA ARG A 46 4.44 2.97 -11.71
C ARG A 46 3.10 3.23 -11.04
N ASN A 47 2.46 4.35 -11.37
CA ASN A 47 1.19 4.65 -10.72
C ASN A 47 0.07 3.76 -11.22
N LEU A 48 0.15 3.29 -12.46
CA LEU A 48 -0.82 2.31 -12.93
C LEU A 48 -0.69 1.01 -12.14
N LEU A 49 0.55 0.58 -11.90
CA LEU A 49 0.78 -0.63 -11.14
C LEU A 49 0.20 -0.52 -9.73
N SER A 50 0.50 0.58 -9.04
N SER A 50 0.50 0.58 -9.04
CA SER A 50 0.03 0.73 -7.67
CA SER A 50 0.04 0.74 -7.66
C SER A 50 -1.48 0.84 -7.60
C SER A 50 -1.48 0.84 -7.60
N VAL A 51 -2.10 1.58 -8.53
CA VAL A 51 -3.55 1.75 -8.49
C VAL A 51 -4.24 0.41 -8.67
N ALA A 52 -3.74 -0.41 -9.60
CA ALA A 52 -4.39 -1.68 -9.89
C ALA A 52 -4.41 -2.58 -8.66
N TYR A 53 -3.24 -2.82 -8.07
CA TYR A 53 -3.14 -3.75 -6.94
C TYR A 53 -3.74 -3.14 -5.68
N LYS A 54 -3.63 -1.82 -5.49
CA LYS A 54 -4.28 -1.19 -4.34
C LYS A 54 -5.78 -1.49 -4.34
N ASN A 55 -6.42 -1.42 -5.50
CA ASN A 55 -7.85 -1.67 -5.56
C ASN A 55 -8.18 -3.14 -5.36
N VAL A 56 -7.40 -4.03 -5.96
CA VAL A 56 -7.64 -5.47 -5.78
C VAL A 56 -7.50 -5.84 -4.31
N VAL A 57 -6.36 -5.52 -3.71
CA VAL A 57 -6.13 -5.88 -2.32
C VAL A 57 -7.06 -5.09 -1.39
N GLY A 58 -7.45 -3.89 -1.79
CA GLY A 58 -8.40 -3.13 -0.99
C GLY A 58 -9.74 -3.84 -0.83
N GLY A 59 -10.24 -4.44 -1.91
CA GLY A 59 -11.48 -5.19 -1.80
C GLY A 59 -11.33 -6.45 -0.97
N GLN A 60 -10.18 -7.11 -1.08
CA GLN A 60 -9.93 -8.30 -0.28
C GLN A 60 -9.85 -7.97 1.20
N ARG A 61 -9.17 -6.87 1.54
CA ARG A 61 -9.06 -6.46 2.94
C ARG A 61 -10.43 -6.11 3.52
N ALA A 62 -11.23 -5.35 2.78
CA ALA A 62 -12.59 -5.05 3.26
C ALA A 62 -13.38 -6.33 3.50
N ALA A 63 -13.26 -7.30 2.59
CA ALA A 63 -13.99 -8.55 2.76
C ALA A 63 -13.46 -9.35 3.95
N TRP A 64 -12.14 -9.41 4.09
CA TRP A 64 -11.55 -10.13 5.22
C TRP A 64 -12.03 -9.55 6.54
N ARG A 65 -12.18 -8.24 6.62
CA ARG A 65 -12.61 -7.62 7.88
C ARG A 65 -14.06 -7.97 8.19
N VAL A 66 -14.94 -7.96 7.19
CA VAL A 66 -16.31 -8.39 7.39
C VAL A 66 -16.34 -9.81 7.96
N LEU A 67 -15.61 -10.72 7.31
CA LEU A 67 -15.66 -12.12 7.73
C LEU A 67 -14.98 -12.32 9.08
N SER A 68 -13.87 -11.61 9.32
CA SER A 68 -13.19 -11.72 10.61
C SER A 68 -14.09 -11.27 11.75
N SER A 69 -14.84 -10.18 11.53
CA SER A 69 -15.77 -9.72 12.56
C SER A 69 -16.84 -10.75 12.85
N ILE A 70 -17.40 -11.36 11.79
CA ILE A 70 -18.40 -12.42 11.99
C ILE A 70 -17.78 -13.57 12.77
N GLU A 71 -16.56 -13.95 12.41
CA GLU A 71 -15.88 -15.04 13.09
C GLU A 71 -15.66 -14.73 14.56
N GLN A 72 -15.22 -13.51 14.87
CA GLN A 72 -14.99 -13.13 16.27
C GLN A 72 -16.29 -13.20 17.06
N LYS A 73 -17.38 -12.64 16.53
CA LYS A 73 -18.66 -12.74 17.21
C LYS A 73 -19.06 -14.19 17.45
N SER A 74 -18.79 -15.06 16.48
CA SER A 74 -19.16 -16.46 16.62
C SER A 74 -18.42 -17.16 17.75
N ASN A 75 -17.31 -16.58 18.21
CA ASN A 75 -16.52 -17.15 19.29
C ASN A 75 -16.72 -16.43 20.62
N GLU A 76 -17.78 -15.62 20.73
CA GLU A 76 -18.13 -15.02 22.00
C GLU A 76 -18.94 -16.00 22.85
N GLU A 77 -19.18 -15.61 24.10
CA GLU A 77 -19.98 -16.43 25.01
C GLU A 77 -21.46 -16.32 24.64
N GLY A 78 -22.14 -17.48 24.61
CA GLY A 78 -23.54 -17.53 24.24
C GLY A 78 -23.81 -17.68 22.77
N SER A 79 -22.77 -17.61 21.93
CA SER A 79 -22.94 -17.70 20.49
C SER A 79 -23.15 -19.15 20.08
N GLU A 80 -24.13 -19.38 19.22
CA GLU A 80 -24.43 -20.74 18.77
C GLU A 80 -23.30 -21.28 17.91
N GLU A 81 -23.01 -22.56 18.06
CA GLU A 81 -22.04 -23.24 17.21
C GLU A 81 -22.65 -23.45 15.83
N LYS A 82 -21.95 -22.97 14.79
CA LYS A 82 -22.46 -23.04 13.43
C LYS A 82 -21.54 -23.83 12.49
N GLY A 83 -20.50 -24.46 13.03
CA GLY A 83 -19.62 -25.28 12.21
C GLY A 83 -18.42 -24.52 11.70
N PRO A 84 -17.67 -25.16 10.81
CA PRO A 84 -16.39 -24.59 10.36
C PRO A 84 -16.51 -23.58 9.22
N GLU A 85 -17.72 -23.29 8.74
CA GLU A 85 -17.85 -22.58 7.49
C GLU A 85 -17.31 -21.15 7.57
N VAL A 86 -17.58 -20.44 8.67
CA VAL A 86 -17.10 -19.06 8.78
C VAL A 86 -15.59 -19.02 8.70
N ARG A 87 -14.92 -19.85 9.51
CA ARG A 87 -13.47 -19.91 9.47
C ARG A 87 -12.96 -20.32 8.10
N GLU A 88 -13.58 -21.33 7.49
CA GLU A 88 -13.11 -21.79 6.19
C GLU A 88 -13.12 -20.66 5.17
N TYR A 89 -14.21 -19.90 5.13
CA TYR A 89 -14.34 -18.88 4.09
C TYR A 89 -13.44 -17.68 4.40
N ARG A 90 -13.31 -17.32 5.67
CA ARG A 90 -12.32 -16.30 6.05
C ARG A 90 -10.92 -16.74 5.62
N GLU A 91 -10.60 -18.01 5.82
CA GLU A 91 -9.29 -18.52 5.39
C GLU A 91 -9.15 -18.47 3.87
N LYS A 92 -10.23 -18.76 3.14
CA LYS A 92 -10.18 -18.66 1.69
C LYS A 92 -9.83 -17.25 1.25
N VAL A 93 -10.58 -16.26 1.73
CA VAL A 93 -10.31 -14.88 1.36
C VAL A 93 -8.91 -14.49 1.79
N GLU A 94 -8.53 -14.87 3.03
CA GLU A 94 -7.21 -14.56 3.54
C GLU A 94 -6.11 -15.11 2.65
N THR A 95 -6.26 -16.36 2.21
CA THR A 95 -5.25 -16.98 1.37
C THR A 95 -5.13 -16.26 0.03
N GLU A 96 -6.26 -15.81 -0.52
N GLU A 96 -6.26 -15.81 -0.52
CA GLU A 96 -6.23 -15.07 -1.77
CA GLU A 96 -6.20 -15.07 -1.79
C GLU A 96 -5.55 -13.71 -1.59
C GLU A 96 -5.54 -13.71 -1.59
N LEU A 97 -5.84 -13.04 -0.48
CA LEU A 97 -5.19 -11.77 -0.18
C LEU A 97 -3.69 -11.94 -0.03
N GLN A 98 -3.26 -12.96 0.72
CA GLN A 98 -1.84 -13.24 0.87
C GLN A 98 -1.20 -13.52 -0.49
N GLY A 99 -1.92 -14.21 -1.37
CA GLY A 99 -1.37 -14.47 -2.70
C GLY A 99 -1.14 -13.21 -3.50
N VAL A 100 -2.08 -12.26 -3.42
CA VAL A 100 -1.89 -10.98 -4.11
C VAL A 100 -0.67 -10.27 -3.53
N CYS A 101 -0.54 -10.24 -2.21
CA CYS A 101 0.60 -9.58 -1.59
C CYS A 101 1.91 -10.23 -2.02
N ASP A 102 1.96 -11.56 -2.07
CA ASP A 102 3.17 -12.24 -2.49
C ASP A 102 3.51 -11.90 -3.93
N THR A 103 2.49 -11.78 -4.78
CA THR A 103 2.72 -11.43 -6.18
C THR A 103 3.37 -10.06 -6.31
N VAL A 104 2.84 -9.08 -5.58
CA VAL A 104 3.41 -7.73 -5.64
C VAL A 104 4.85 -7.74 -5.13
N LEU A 105 5.05 -8.33 -3.95
CA LEU A 105 6.39 -8.40 -3.39
C LEU A 105 7.34 -9.13 -4.32
N GLY A 106 6.85 -10.14 -5.04
CA GLY A 106 7.69 -10.82 -6.01
C GLY A 106 8.09 -9.93 -7.17
N LEU A 107 7.17 -9.08 -7.64
CA LEU A 107 7.53 -8.14 -8.70
C LEU A 107 8.57 -7.14 -8.22
N LEU A 108 8.43 -6.67 -6.98
CA LEU A 108 9.40 -5.72 -6.44
C LEU A 108 10.77 -6.37 -6.30
N ASP A 109 10.79 -7.65 -5.90
CA ASP A 109 12.05 -8.35 -5.72
C ASP A 109 12.66 -8.86 -7.02
N SER A 110 11.85 -9.00 -8.07
CA SER A 110 12.30 -9.54 -9.36
C SER A 110 11.65 -8.73 -10.49
N HIS A 111 12.22 -7.56 -10.81
CA HIS A 111 13.46 -7.03 -10.25
C HIS A 111 13.35 -5.49 -10.13
N LEU A 112 12.16 -5.00 -9.80
CA LEU A 112 11.90 -3.56 -9.85
C LEU A 112 12.83 -2.81 -8.90
N ILE A 113 12.96 -3.26 -7.67
CA ILE A 113 13.69 -2.47 -6.68
C ILE A 113 15.17 -2.37 -7.05
N LYS A 114 15.78 -3.47 -7.45
CA LYS A 114 17.23 -3.45 -7.66
C LYS A 114 17.64 -2.59 -8.85
N GLU A 115 16.75 -2.39 -9.83
CA GLU A 115 17.06 -1.54 -10.96
C GLU A 115 16.62 -0.09 -10.79
N ALA A 116 15.99 0.26 -9.68
CA ALA A 116 15.49 1.61 -9.46
C ALA A 116 16.57 2.44 -8.78
N GLY A 117 17.17 3.36 -9.54
CA GLY A 117 18.26 4.18 -9.04
C GLY A 117 17.86 5.59 -8.67
N ASP A 118 16.86 6.14 -9.34
CA ASP A 118 16.38 7.47 -8.99
C ASP A 118 15.57 7.43 -7.70
N ALA A 119 15.64 8.53 -6.94
CA ALA A 119 14.94 8.59 -5.67
C ALA A 119 13.44 8.37 -5.84
N GLU A 120 12.85 8.97 -6.87
CA GLU A 120 11.40 8.86 -7.04
C GLU A 120 10.98 7.41 -7.26
N SER A 121 11.75 6.65 -8.04
CA SER A 121 11.39 5.26 -8.28
C SER A 121 11.72 4.39 -7.06
N ARG A 122 12.91 4.56 -6.48
CA ARG A 122 13.29 3.69 -5.37
C ARG A 122 12.35 3.88 -4.18
N VAL A 123 12.04 5.13 -3.83
CA VAL A 123 11.14 5.39 -2.72
C VAL A 123 9.76 4.82 -3.01
N PHE A 124 9.29 4.99 -4.25
CA PHE A 124 7.99 4.46 -4.62
C PHE A 124 7.89 2.96 -4.39
N TYR A 125 8.90 2.21 -4.84
CA TYR A 125 8.85 0.76 -4.72
C TYR A 125 9.04 0.29 -3.29
N LEU A 126 9.90 0.97 -2.53
CA LEU A 126 10.09 0.59 -1.13
C LEU A 126 8.86 0.90 -0.29
N LYS A 127 8.15 1.99 -0.60
CA LYS A 127 6.85 2.23 0.04
C LYS A 127 5.89 1.08 -0.26
N MET A 128 5.84 0.66 -1.53
CA MET A 128 4.98 -0.46 -1.90
C MET A 128 5.36 -1.72 -1.13
N LYS A 129 6.66 -2.00 -1.01
CA LYS A 129 7.11 -3.15 -0.25
C LYS A 129 6.65 -3.06 1.20
N GLY A 130 6.78 -1.89 1.81
CA GLY A 130 6.27 -1.71 3.16
C GLY A 130 4.77 -1.90 3.25
N ASP A 131 4.04 -1.36 2.26
CA ASP A 131 2.59 -1.46 2.25
C ASP A 131 2.13 -2.92 2.22
N TYR A 132 2.72 -3.72 1.33
CA TYR A 132 2.20 -5.08 1.14
C TYR A 132 2.68 -6.04 2.21
N TYR A 133 3.81 -5.76 2.87
CA TYR A 133 4.11 -6.49 4.10
C TYR A 133 3.18 -6.05 5.23
N ARG A 134 2.75 -4.78 5.25
CA ARG A 134 1.75 -4.34 6.22
C ARG A 134 0.44 -5.10 6.03
N TYR A 135 0.00 -5.28 4.78
CA TYR A 135 -1.24 -5.99 4.54
C TYR A 135 -1.13 -7.44 4.95
N LEU A 136 0.03 -8.06 4.71
CA LEU A 136 0.28 -9.39 5.26
C LEU A 136 0.20 -9.36 6.78
N ALA A 137 0.75 -8.31 7.40
CA ALA A 137 0.73 -8.21 8.86
C ALA A 137 -0.66 -8.05 9.41
N GLU A 138 -1.56 -7.40 8.67
CA GLU A 138 -2.92 -7.18 9.17
C GLU A 138 -3.62 -8.50 9.45
N VAL A 139 -3.26 -9.56 8.75
CA VAL A 139 -3.92 -10.87 8.90
C VAL A 139 -3.03 -11.90 9.55
N ALA A 140 -1.78 -11.56 9.88
CA ALA A 140 -0.85 -12.52 10.45
C ALA A 140 -1.19 -12.79 11.91
N THR A 141 -1.11 -14.07 12.29
CA THR A 141 -1.37 -14.46 13.66
C THR A 141 -0.41 -15.54 14.17
N GLY A 142 0.62 -15.89 13.41
CA GLY A 142 1.47 -17.01 13.71
C GLY A 142 2.87 -16.63 14.14
N ASP A 143 3.79 -17.58 13.98
CA ASP A 143 5.17 -17.43 14.45
C ASP A 143 6.02 -16.53 13.58
N ASP A 144 5.56 -16.19 12.38
CA ASP A 144 6.26 -15.27 11.49
C ASP A 144 5.70 -13.86 11.54
N LYS A 145 4.74 -13.60 12.44
CA LYS A 145 4.13 -12.27 12.50
C LYS A 145 5.17 -11.20 12.82
N LYS A 146 6.07 -11.48 13.77
CA LYS A 146 7.05 -10.46 14.14
C LYS A 146 8.01 -10.17 13.00
N ARG A 147 8.39 -11.21 12.24
CA ARG A 147 9.28 -10.99 11.10
C ARG A 147 8.55 -10.27 9.97
N ILE A 148 7.27 -10.58 9.76
CA ILE A 148 6.49 -9.85 8.76
C ILE A 148 6.40 -8.37 9.13
N ILE A 149 6.15 -8.10 10.42
CA ILE A 149 6.08 -6.70 10.86
C ILE A 149 7.42 -6.01 10.65
N ASP A 150 8.52 -6.69 10.98
CA ASP A 150 9.83 -6.06 10.82
C ASP A 150 10.17 -5.87 9.35
N SER A 151 9.68 -6.75 8.47
CA SER A 151 9.91 -6.55 7.04
C SER A 151 9.21 -5.29 6.53
N ALA A 152 7.99 -5.06 6.98
CA ALA A 152 7.31 -3.80 6.66
C ALA A 152 8.10 -2.61 7.22
N ARG A 153 8.46 -2.68 8.50
CA ARG A 153 9.19 -1.58 9.14
C ARG A 153 10.48 -1.28 8.38
N SER A 154 11.23 -2.33 8.04
CA SER A 154 12.53 -2.11 7.41
C SER A 154 12.39 -1.45 6.05
N ALA A 155 11.39 -1.85 5.27
CA ALA A 155 11.19 -1.26 3.95
C ALA A 155 10.74 0.20 4.08
N TYR A 156 9.79 0.46 4.98
CA TYR A 156 9.38 1.84 5.22
C TYR A 156 10.56 2.70 5.66
N GLN A 157 11.45 2.16 6.50
CA GLN A 157 12.54 2.96 7.06
C GLN A 157 13.55 3.33 5.97
N GLU A 158 13.89 2.37 5.10
CA GLU A 158 14.81 2.69 3.99
C GLU A 158 14.20 3.74 3.07
N ALA A 159 12.89 3.61 2.79
CA ALA A 159 12.22 4.60 1.96
C ALA A 159 12.24 5.97 2.63
N MET A 160 12.00 6.02 3.95
CA MET A 160 12.02 7.30 4.66
C MET A 160 13.40 7.94 4.61
N ASP A 161 14.46 7.15 4.85
CA ASP A 161 15.80 7.70 4.83
C ASP A 161 16.11 8.34 3.47
N ILE A 162 15.76 7.65 2.38
CA ILE A 162 16.03 8.17 1.05
C ILE A 162 15.21 9.43 0.79
N SER A 163 13.91 9.38 1.11
CA SER A 163 13.02 10.48 0.77
C SER A 163 13.41 11.75 1.53
N LYS A 164 13.86 11.60 2.77
CA LYS A 164 14.26 12.78 3.53
C LYS A 164 15.54 13.39 3.00
N LYS A 165 16.45 12.56 2.47
CA LYS A 165 17.68 13.09 1.89
C LYS A 165 17.49 13.61 0.47
N GLU A 166 16.59 13.01 -0.31
CA GLU A 166 16.55 13.22 -1.75
C GLU A 166 15.30 13.94 -2.26
N MET A 167 14.30 14.17 -1.43
CA MET A 167 13.05 14.76 -1.89
C MET A 167 12.65 15.93 -1.00
N PRO A 168 11.95 16.91 -1.53
CA PRO A 168 11.44 18.01 -0.69
C PRO A 168 10.29 17.54 0.18
N PRO A 169 10.03 18.24 1.28
CA PRO A 169 9.01 17.76 2.23
C PRO A 169 7.61 17.70 1.66
N THR A 170 7.34 18.38 0.55
CA THR A 170 6.01 18.39 -0.05
C THR A 170 5.84 17.36 -1.16
N ASN A 171 6.87 16.59 -1.45
CA ASN A 171 6.77 15.59 -2.52
CA ASN A 171 6.77 15.59 -2.52
C ASN A 171 5.61 14.63 -2.24
N PRO A 172 4.66 14.46 -3.17
CA PRO A 172 3.54 13.57 -2.89
C PRO A 172 3.93 12.15 -2.49
N ILE A 173 5.01 11.60 -3.06
CA ILE A 173 5.42 10.26 -2.68
C ILE A 173 5.96 10.27 -1.26
N ARG A 174 6.83 11.23 -0.94
CA ARG A 174 7.32 11.37 0.43
C ARG A 174 6.16 11.49 1.41
N LEU A 175 5.15 12.30 1.07
CA LEU A 175 4.01 12.51 1.97
C LEU A 175 3.19 11.23 2.15
N GLY A 176 2.92 10.54 1.04
CA GLY A 176 2.15 9.31 1.13
C GLY A 176 2.90 8.21 1.86
N LEU A 177 4.21 8.16 1.69
CA LEU A 177 5.03 7.21 2.45
C LEU A 177 4.92 7.48 3.94
N ALA A 178 5.10 8.74 4.34
CA ALA A 178 5.02 9.09 5.76
C ALA A 178 3.63 8.84 6.32
N LEU A 179 2.59 9.19 5.57
CA LEU A 179 1.23 8.85 5.95
C LEU A 179 1.11 7.36 6.28
N ASN A 180 1.60 6.51 5.38
CA ASN A 180 1.42 5.07 5.55
C ASN A 180 2.31 4.50 6.64
N PHE A 181 3.54 5.01 6.78
CA PHE A 181 4.41 4.56 7.86
C PHE A 181 3.79 4.93 9.21
N SER A 182 3.15 6.09 9.27
CA SER A 182 2.43 6.48 10.48
C SER A 182 1.28 5.52 10.77
N VAL A 183 0.51 5.16 9.73
CA VAL A 183 -0.56 4.18 9.91
C VAL A 183 0.01 2.84 10.38
N PHE A 184 1.15 2.44 9.84
CA PHE A 184 1.82 1.23 10.30
C PHE A 184 2.09 1.28 11.80
N HIS A 185 2.66 2.39 12.27
CA HIS A 185 2.93 2.55 13.69
C HIS A 185 1.67 2.39 14.52
N TYR A 186 0.56 2.96 14.05
CA TYR A 186 -0.66 2.95 14.85
C TYR A 186 -1.37 1.61 14.79
N GLU A 187 -1.54 1.08 13.59
CA GLU A 187 -2.39 -0.08 13.39
C GLU A 187 -1.66 -1.42 13.46
N ILE A 188 -0.35 -1.44 13.27
CA ILE A 188 0.43 -2.67 13.22
C ILE A 188 1.39 -2.77 14.39
N ALA A 189 2.17 -1.72 14.64
CA ALA A 189 3.27 -1.77 15.58
C ALA A 189 2.89 -1.36 17.01
N ASN A 190 1.62 -1.09 17.27
CA ASN A 190 1.16 -0.71 18.60
C ASN A 190 1.97 0.46 19.15
N SER A 191 2.24 1.44 18.30
CA SER A 191 3.04 2.62 18.64
C SER A 191 2.27 3.88 18.25
N PRO A 192 1.16 4.16 18.92
CA PRO A 192 0.34 5.33 18.52
C PRO A 192 1.06 6.65 18.70
N GLU A 193 1.91 6.79 19.72
CA GLU A 193 2.63 8.05 19.89
C GLU A 193 3.60 8.29 18.74
N GLU A 194 4.27 7.24 18.26
CA GLU A 194 5.14 7.39 17.09
C GLU A 194 4.31 7.75 15.85
N ALA A 195 3.15 7.14 15.70
CA ALA A 195 2.28 7.45 14.56
C ALA A 195 1.84 8.91 14.59
N ILE A 196 1.46 9.41 15.77
CA ILE A 196 1.01 10.79 15.90
C ILE A 196 2.16 11.76 15.69
N SER A 197 3.32 11.46 16.29
CA SER A 197 4.48 12.33 16.12
C SER A 197 4.91 12.41 14.66
N LEU A 198 4.92 11.27 13.96
CA LEU A 198 5.34 11.28 12.57
C LEU A 198 4.36 12.06 11.70
N ALA A 199 3.05 11.90 11.93
CA ALA A 199 2.08 12.60 11.10
C ALA A 199 2.15 14.11 11.33
N LYS A 200 2.35 14.53 12.57
CA LYS A 200 2.46 15.96 12.87
C LYS A 200 3.70 16.56 12.23
N THR A 201 4.87 15.96 12.45
CA THR A 201 6.10 16.50 11.90
C THR A 201 6.06 16.54 10.38
N THR A 202 5.49 15.50 9.76
CA THR A 202 5.36 15.48 8.32
C THR A 202 4.47 16.62 7.83
N PHE A 203 3.33 16.81 8.47
CA PHE A 203 2.42 17.88 8.08
C PHE A 203 3.09 19.24 8.22
N ASP A 204 3.73 19.48 9.37
CA ASP A 204 4.31 20.79 9.62
C ASP A 204 5.44 21.10 8.65
N GLU A 205 6.33 20.14 8.41
CA GLU A 205 7.45 20.40 7.50
C GLU A 205 6.96 20.60 6.07
N ALA A 206 5.84 19.97 5.69
CA ALA A 206 5.27 20.21 4.37
C ALA A 206 4.65 21.61 4.32
N MET A 207 3.87 21.96 5.35
CA MET A 207 3.27 23.30 5.42
C MET A 207 4.31 24.37 5.14
N ALA A 208 5.50 24.24 5.74
CA ALA A 208 6.53 25.28 5.61
C ALA A 208 7.16 25.32 4.24
N ASP A 209 6.95 24.30 3.40
CA ASP A 209 7.53 24.25 2.06
C ASP A 209 6.52 24.57 0.96
N LEU A 210 5.25 24.76 1.30
CA LEU A 210 4.23 25.02 0.28
C LEU A 210 4.54 26.28 -0.52
N HIS A 211 5.19 27.27 0.08
CA HIS A 211 5.39 28.54 -0.60
C HIS A 211 6.26 28.40 -1.84
N THR A 212 7.01 27.30 -1.95
CA THR A 212 7.89 27.09 -3.10
C THR A 212 7.16 26.53 -4.32
N LEU A 213 5.90 26.14 -4.18
CA LEU A 213 5.21 25.32 -5.17
C LEU A 213 4.31 26.13 -6.09
N SER A 214 4.13 25.62 -7.30
CA SER A 214 3.10 26.10 -8.20
C SER A 214 1.70 25.73 -7.69
N GLU A 215 0.69 26.35 -8.29
CA GLU A 215 -0.69 26.04 -7.92
C GLU A 215 -1.00 24.55 -8.07
N ASP A 216 -0.52 23.93 -9.15
CA ASP A 216 -0.82 22.52 -9.38
C ASP A 216 -0.12 21.64 -8.37
N SER A 217 1.16 21.92 -8.09
CA SER A 217 1.87 21.14 -7.08
C SER A 217 1.29 21.39 -5.69
N TYR A 218 0.91 22.64 -5.41
CA TYR A 218 0.26 22.96 -4.14
C TYR A 218 -1.00 22.14 -3.94
N LYS A 219 -1.80 21.94 -5.00
CA LYS A 219 -3.01 21.16 -4.90
C LYS A 219 -2.71 19.69 -4.58
N ASP A 220 -1.70 19.12 -5.23
CA ASP A 220 -1.33 17.74 -4.96
C ASP A 220 -0.87 17.56 -3.52
N SER A 221 -0.01 18.46 -3.05
CA SER A 221 0.57 18.30 -1.72
C SER A 221 -0.47 18.50 -0.63
N THR A 222 -1.32 19.52 -0.76
CA THR A 222 -2.33 19.79 0.26
C THR A 222 -3.37 18.68 0.33
N LEU A 223 -3.66 18.03 -0.79
CA LEU A 223 -4.57 16.89 -0.76
C LEU A 223 -4.07 15.79 0.18
N ILE A 224 -2.77 15.47 0.08
CA ILE A 224 -2.21 14.42 0.93
C ILE A 224 -2.01 14.93 2.36
N MET A 225 -1.70 16.21 2.52
CA MET A 225 -1.60 16.77 3.86
C MET A 225 -2.92 16.66 4.61
N GLN A 226 -4.04 16.79 3.89
CA GLN A 226 -5.34 16.65 4.54
C GLN A 226 -5.54 15.25 5.09
N LEU A 227 -4.99 14.23 4.44
CA LEU A 227 -5.10 12.86 4.96
C LEU A 227 -4.34 12.72 6.26
N LEU A 228 -3.17 13.35 6.36
CA LEU A 228 -2.45 13.39 7.62
C LEU A 228 -3.28 14.07 8.70
N ARG A 229 -3.93 15.19 8.36
CA ARG A 229 -4.79 15.86 9.32
C ARG A 229 -5.97 14.99 9.72
N ASP A 230 -6.60 14.33 8.75
CA ASP A 230 -7.72 13.43 9.07
C ASP A 230 -7.30 12.38 10.10
N ASN A 231 -6.14 11.77 9.90
CA ASN A 231 -5.68 10.73 10.83
C ASN A 231 -5.37 11.32 12.20
N LEU A 232 -4.74 12.50 12.25
CA LEU A 232 -4.46 13.11 13.54
C LEU A 232 -5.75 13.44 14.28
N THR A 233 -6.77 13.88 13.54
CA THR A 233 -8.08 14.14 14.16
C THR A 233 -8.70 12.84 14.65
N LEU A 234 -8.59 11.76 13.86
CA LEU A 234 -9.12 10.46 14.26
C LEU A 234 -8.43 9.95 15.52
N TRP A 235 -7.12 10.20 15.65
CA TRP A 235 -6.33 9.57 16.69
C TRP A 235 -6.20 10.41 17.96
N THR A 236 -6.61 11.68 17.94
CA THR A 236 -6.44 12.55 19.09
C THR A 236 -7.77 13.16 19.55
N LYS B 5 -10.57 4.44 16.66
CA LYS B 5 -10.44 3.00 16.50
C LYS B 5 -10.62 2.60 15.04
N ASP B 6 -11.40 3.40 14.30
CA ASP B 6 -11.71 3.05 12.92
C ASP B 6 -10.43 3.04 12.08
N LYS B 7 -10.57 2.52 10.85
CA LYS B 7 -9.46 2.43 9.94
C LYS B 7 -8.96 3.81 9.53
N ALA B 8 -7.65 4.01 9.59
CA ALA B 8 -7.05 5.28 9.21
C ALA B 8 -6.88 5.36 7.69
N LYS B 9 -6.69 6.58 7.20
CA LYS B 9 -6.52 6.80 5.78
C LYS B 9 -5.08 6.53 5.37
N SEP B 10 -4.93 6.01 4.15
CA SEP B 10 -3.61 5.65 3.63
CB SEP B 10 -3.32 4.18 3.88
OG SEP B 10 -4.38 3.38 3.40
C SEP B 10 -3.56 5.95 2.14
O SEP B 10 -4.60 6.22 1.52
P SEP B 10 -4.09 1.81 3.44
O1P SEP B 10 -5.22 1.14 2.52
O2P SEP B 10 -4.21 1.28 4.94
O3P SEP B 10 -2.62 1.48 2.87
HA SEP B 10 -2.92 6.17 4.09
HB2 SEP B 10 -3.22 4.02 4.83
HB3 SEP B 10 -2.50 3.93 3.41
N CYS B 11 -2.36 5.93 1.58
CA CYS B 11 -2.14 6.27 0.19
C CYS B 11 -1.78 5.06 -0.64
CL CL C . -7.37 -8.37 -24.07
MG MG D . 15.70 15.62 -5.31
C1 FAR E . -1.91 9.01 -1.66
C2 FAR E . -1.05 9.61 -2.77
C3 FAR E . -1.05 9.13 -4.00
C5 FAR E . -0.18 9.81 -5.06
C6 FAR E . 1.26 9.85 -4.58
C4 FAR E . -1.90 7.93 -4.38
H12A FAR E . -2.76 9.48 -1.63
H13 FAR E . -2.07 8.08 -1.86
H2 FAR E . -0.51 10.36 -2.57
H51 FAR E . -0.24 9.29 -5.88
H52 FAR E . -0.51 10.71 -5.22
H61 FAR E . 1.53 8.98 -4.26
H62 FAR E . 1.84 10.12 -5.32
H41 FAR E . -2.83 8.12 -4.20
H42 FAR E . -1.80 7.75 -5.34
H43 FAR E . -1.62 7.15 -3.88
#